data_6YLI
#
_entry.id   6YLI
#
_cell.length_a   39.141
_cell.length_b   63.801
_cell.length_c   69.761
_cell.angle_alpha   90.000
_cell.angle_beta   94.566
_cell.angle_gamma   90.000
#
_symmetry.space_group_name_H-M   'P 1 21 1'
#
loop_
_entity.id
_entity.type
_entity.pdbx_description
1 polymer 'Bcl-2-like protein 1'
2 polymer 'Bcl-2 homologous antagonist/killer'
3 non-polymer 'SULFATE ION'
4 water water
#
loop_
_entity_poly.entity_id
_entity_poly.type
_entity_poly.pdbx_seq_one_letter_code
_entity_poly.pdbx_strand_id
1 'polypeptide(L)'
;GPLGSMSMAMSQSNRELVVDFLSYKLSQKGYSWSQFSDVEENRTEAPEGTESEAVKQALREAGDEFELRYRRAFSDLTSQ
LHITPGTAYQSFEQVVNELFRDGVNWGRIVAFFSFGGALCVESVDKEMQVLVSRIAAWMATYLNDHLEPWIQENGGWDTF
VELYGNNAAAESRKGQERLE
;
A,C
2 'polypeptide(L)' PSSPTSEIGRHLAQLGDSYSVRFQNE B,D
#
loop_
_chem_comp.id
_chem_comp.type
_chem_comp.name
_chem_comp.formula
SO4 non-polymer 'SULFATE ION' 'O4 S -2'
#
# COMPACT_ATOMS: atom_id res chain seq x y z
N MET A 6 35.37 1.83 0.68
CA MET A 6 34.06 1.12 0.56
C MET A 6 33.12 1.94 -0.30
N SER A 7 33.45 3.23 -0.44
CA SER A 7 32.74 4.14 -1.32
C SER A 7 32.22 3.45 -2.56
N MET A 8 33.09 2.98 -3.46
CA MET A 8 32.58 2.46 -4.73
C MET A 8 32.46 0.96 -4.78
N ALA A 9 32.89 0.22 -3.76
CA ALA A 9 32.21 -1.03 -3.47
C ALA A 9 30.72 -0.75 -3.34
N MET A 10 30.37 0.30 -2.59
CA MET A 10 28.97 0.70 -2.41
C MET A 10 28.42 1.49 -3.59
N SER A 11 29.26 2.07 -4.44
CA SER A 11 28.74 2.89 -5.53
C SER A 11 28.15 2.05 -6.66
N GLN A 12 28.72 0.89 -6.97
CA GLN A 12 28.08 0.01 -7.94
C GLN A 12 26.77 -0.54 -7.40
N SER A 13 26.75 -0.84 -6.10
CA SER A 13 25.54 -1.37 -5.46
C SER A 13 24.43 -0.35 -5.48
N ASN A 14 24.73 0.89 -5.14
CA ASN A 14 23.70 1.93 -5.15
C ASN A 14 23.13 2.11 -6.54
N ARG A 15 24.00 2.06 -7.55
CA ARG A 15 23.51 2.13 -8.93
C ARG A 15 22.52 1.00 -9.20
N GLU A 16 22.83 -0.21 -8.73
CA GLU A 16 21.94 -1.33 -8.99
C GLU A 16 20.61 -1.20 -8.26
N LEU A 17 20.64 -0.66 -7.05
CA LEU A 17 19.38 -0.38 -6.36
C LEU A 17 18.51 0.60 -7.13
N VAL A 18 19.13 1.66 -7.67
CA VAL A 18 18.36 2.67 -8.38
C VAL A 18 17.74 2.08 -9.64
N VAL A 19 18.56 1.40 -10.44
CA VAL A 19 18.06 0.78 -11.67
C VAL A 19 16.94 -0.20 -11.35
N ASP A 20 17.08 -0.96 -10.27
CA ASP A 20 16.08 -1.97 -9.96
C ASP A 20 14.76 -1.33 -9.55
N PHE A 21 14.84 -0.28 -8.74
CA PHE A 21 13.61 0.40 -8.32
C PHE A 21 12.92 1.04 -9.51
N LEU A 22 13.67 1.75 -10.35
CA LEU A 22 13.05 2.41 -11.50
C LEU A 22 12.49 1.38 -12.48
N SER A 23 13.24 0.30 -12.72
CA SER A 23 12.75 -0.76 -13.60
C SER A 23 11.44 -1.34 -13.08
N TYR A 24 11.33 -1.50 -11.75
CA TYR A 24 10.10 -2.03 -11.16
C TYR A 24 8.95 -1.03 -11.31
N LYS A 25 9.20 0.26 -11.05
CA LYS A 25 8.10 1.21 -11.20
C LYS A 25 7.70 1.35 -12.67
N LEU A 26 8.66 1.30 -13.58
CA LEU A 26 8.32 1.34 -14.99
C LEU A 26 7.49 0.12 -15.36
N SER A 27 7.87 -1.06 -14.88
CA SER A 27 7.16 -2.29 -15.24
C SER A 27 5.73 -2.28 -14.72
N GLN A 28 5.46 -1.59 -13.61
CA GLN A 28 4.10 -1.57 -13.08
C GLN A 28 3.11 -0.89 -14.03
N LYS A 29 3.61 -0.03 -14.93
CA LYS A 29 2.74 0.68 -15.86
C LYS A 29 2.74 0.06 -17.25
N GLY A 30 3.58 -0.95 -17.49
CA GLY A 30 3.70 -1.54 -18.81
C GLY A 30 4.90 -1.08 -19.61
N TYR A 31 5.78 -0.29 -19.02
CA TYR A 31 7.01 0.16 -19.65
C TYR A 31 8.16 -0.74 -19.25
N SER A 32 9.32 -0.52 -19.88
CA SER A 32 10.48 -1.32 -19.53
C SER A 32 11.74 -0.47 -19.53
N TRP A 33 12.59 -0.72 -18.53
CA TRP A 33 13.86 -0.03 -18.40
C TRP A 33 14.76 -0.29 -19.59
N SER A 34 14.77 -1.52 -20.09
CA SER A 34 15.69 -1.88 -21.17
C SER A 34 15.47 -1.01 -22.41
N GLN A 35 14.24 -0.55 -22.62
CA GLN A 35 13.96 0.22 -23.83
C GLN A 35 14.69 1.56 -23.83
N PHE A 36 14.97 2.13 -22.66
CA PHE A 36 15.48 3.50 -22.57
C PHE A 36 16.94 3.59 -22.16
N SER A 37 17.53 2.50 -21.68
CA SER A 37 18.98 2.32 -21.64
C SER A 37 19.27 1.01 -20.93
N ASP A 38 20.34 0.32 -21.34
CA ASP A 38 20.88 -0.80 -20.57
C ASP A 38 19.82 -1.73 -19.98
N GLU A 48 28.01 -6.81 6.47
CA GLU A 48 26.64 -6.64 5.98
C GLU A 48 26.09 -8.02 5.64
N GLY A 49 24.88 -8.33 6.10
CA GLY A 49 24.41 -9.70 5.99
C GLY A 49 23.21 -9.98 5.10
N THR A 50 22.41 -8.97 4.77
CA THR A 50 21.18 -9.23 4.04
C THR A 50 21.46 -9.08 2.54
N GLU A 51 21.16 -10.13 1.78
CA GLU A 51 21.48 -10.15 0.36
C GLU A 51 20.82 -8.99 -0.37
N SER A 52 21.49 -8.53 -1.43
CA SER A 52 21.02 -7.34 -2.14
C SER A 52 19.62 -7.54 -2.71
N GLU A 53 19.22 -8.79 -2.99
CA GLU A 53 17.86 -9.03 -3.46
C GLU A 53 16.83 -8.63 -2.41
N ALA A 54 17.22 -8.64 -1.12
CA ALA A 54 16.32 -8.24 -0.05
C ALA A 54 16.27 -6.73 0.10
N VAL A 55 17.42 -6.06 -0.07
CA VAL A 55 17.40 -4.61 -0.15
C VAL A 55 16.52 -4.15 -1.30
N LYS A 56 16.73 -4.72 -2.49
CA LYS A 56 15.89 -4.36 -3.63
C LYS A 56 14.41 -4.54 -3.30
N GLN A 57 14.06 -5.69 -2.72
CA GLN A 57 12.64 -5.97 -2.47
C GLN A 57 12.06 -5.07 -1.39
N ALA A 58 12.84 -4.82 -0.33
CA ALA A 58 12.37 -3.93 0.73
C ALA A 58 12.15 -2.52 0.20
N LEU A 59 13.01 -2.08 -0.73
CA LEU A 59 12.84 -0.77 -1.33
C LEU A 59 11.63 -0.74 -2.25
N ARG A 60 11.45 -1.80 -3.05
CA ARG A 60 10.25 -1.94 -3.86
C ARG A 60 9.01 -1.87 -2.98
N GLU A 61 8.99 -2.68 -1.93
CA GLU A 61 7.91 -2.70 -0.95
C GLU A 61 7.64 -1.31 -0.40
N ALA A 62 8.69 -0.69 0.15
CA ALA A 62 8.52 0.61 0.80
C ALA A 62 7.98 1.62 -0.20
N GLY A 63 8.55 1.65 -1.40
CA GLY A 63 8.02 2.56 -2.42
C GLY A 63 6.54 2.34 -2.66
N ASP A 64 6.13 1.07 -2.76
CA ASP A 64 4.72 0.78 -2.96
C ASP A 64 3.86 1.30 -1.80
N GLU A 65 4.29 1.04 -0.56
CA GLU A 65 3.49 1.50 0.57
C GLU A 65 3.50 3.03 0.67
N PHE A 66 4.62 3.66 0.34
CA PHE A 66 4.67 5.11 0.32
C PHE A 66 3.71 5.68 -0.73
N GLU A 67 3.82 5.20 -1.96
CA GLU A 67 2.96 5.68 -3.02
C GLU A 67 1.50 5.39 -2.73
N LEU A 68 1.20 4.28 -2.06
CA LEU A 68 -0.19 4.00 -1.75
C LEU A 68 -0.72 4.95 -0.70
N ARG A 69 -0.01 5.07 0.42
CA ARG A 69 -0.57 5.79 1.56
C ARG A 69 -0.58 7.29 1.33
N TYR A 70 0.38 7.81 0.57
CA TYR A 70 0.45 9.23 0.30
C TYR A 70 0.12 9.57 -1.14
N ARG A 71 -0.64 8.71 -1.83
CA ARG A 71 -0.80 8.85 -3.27
C ARG A 71 -1.24 10.27 -3.66
N ARG A 72 -2.32 10.76 -3.05
CA ARG A 72 -2.86 12.06 -3.44
C ARG A 72 -1.84 13.17 -3.19
N ALA A 73 -1.33 13.25 -1.96
CA ALA A 73 -0.32 14.25 -1.66
C ALA A 73 0.86 14.11 -2.60
N PHE A 74 1.25 12.86 -2.90
CA PHE A 74 2.39 12.60 -3.76
C PHE A 74 2.09 12.87 -5.23
N SER A 75 0.89 12.51 -5.68
CA SER A 75 0.52 12.81 -7.06
C SER A 75 0.42 14.31 -7.28
N ASP A 76 -0.27 15.01 -6.38
CA ASP A 76 -0.38 16.46 -6.48
C ASP A 76 0.98 17.10 -6.55
N LEU A 77 1.94 16.62 -5.75
CA LEU A 77 3.25 17.25 -5.70
C LEU A 77 4.05 16.96 -7.00
N THR A 78 3.92 15.74 -7.51
CA THR A 78 4.62 15.41 -8.78
C THR A 78 4.09 16.22 -9.95
N SER A 79 2.86 16.72 -9.88
CA SER A 79 2.29 17.50 -10.97
C SER A 79 2.71 18.97 -10.93
N GLN A 80 3.08 19.47 -9.75
CA GLN A 80 3.35 20.90 -9.61
C GLN A 80 4.66 21.34 -10.27
N LEU A 81 5.56 20.41 -10.57
CA LEU A 81 6.80 20.74 -11.26
C LEU A 81 6.65 20.30 -12.72
N HIS A 82 6.67 21.29 -13.62
CA HIS A 82 6.42 21.06 -15.04
C HIS A 82 7.75 20.72 -15.71
N ILE A 83 7.91 19.46 -16.06
CA ILE A 83 9.20 18.89 -16.43
C ILE A 83 9.41 19.05 -17.93
N THR A 84 10.64 19.35 -18.31
CA THR A 84 11.10 19.36 -19.69
C THR A 84 12.49 18.78 -19.69
N PRO A 85 12.92 18.15 -20.77
CA PRO A 85 14.27 17.57 -20.77
C PRO A 85 15.36 18.58 -20.49
N GLY A 86 15.15 19.86 -20.83
CA GLY A 86 16.14 20.90 -20.58
C GLY A 86 16.09 21.54 -19.21
N THR A 87 15.05 21.26 -18.43
CA THR A 87 14.93 21.78 -17.08
C THR A 87 14.84 20.68 -16.03
N ALA A 88 14.77 19.42 -16.44
CA ALA A 88 14.48 18.35 -15.49
C ALA A 88 15.59 18.19 -14.45
N TYR A 89 16.85 18.32 -14.87
CA TYR A 89 17.97 18.12 -13.97
C TYR A 89 17.96 19.13 -12.83
N GLN A 90 17.78 20.40 -13.16
CA GLN A 90 17.72 21.44 -12.15
C GLN A 90 16.54 21.23 -11.22
N SER A 91 15.40 20.83 -11.77
CA SER A 91 14.21 20.61 -10.95
C SER A 91 14.46 19.47 -9.97
N PHE A 92 15.02 18.36 -10.47
CA PHE A 92 15.33 17.21 -9.63
C PHE A 92 16.28 17.60 -8.50
N GLU A 93 17.38 18.29 -8.83
CA GLU A 93 18.37 18.60 -7.81
C GLU A 93 17.82 19.58 -6.79
N GLN A 94 16.99 20.53 -7.22
CA GLN A 94 16.39 21.48 -6.30
C GLN A 94 15.44 20.79 -5.33
N VAL A 95 14.59 19.92 -5.85
CA VAL A 95 13.66 19.19 -4.99
C VAL A 95 14.43 18.38 -3.94
N VAL A 96 15.46 17.65 -4.39
CA VAL A 96 16.22 16.78 -3.50
C VAL A 96 17.01 17.60 -2.49
N ASN A 97 17.50 18.77 -2.89
CA ASN A 97 18.17 19.63 -1.92
C ASN A 97 17.20 20.00 -0.80
N GLU A 98 15.97 20.35 -1.16
CA GLU A 98 15.01 20.73 -0.13
C GLU A 98 14.58 19.52 0.67
N LEU A 99 14.49 18.34 0.03
CA LEU A 99 14.05 17.15 0.74
C LEU A 99 14.97 16.83 1.90
N PHE A 100 16.27 16.95 1.69
CA PHE A 100 17.27 16.56 2.68
C PHE A 100 17.87 17.77 3.40
N ARG A 101 17.20 18.93 3.32
CA ARG A 101 17.76 20.14 3.91
C ARG A 101 18.01 19.96 5.40
N ASP A 102 17.05 19.39 6.12
CA ASP A 102 17.10 19.26 7.58
C ASP A 102 17.71 17.95 8.05
N GLY A 103 18.23 17.14 7.14
CA GLY A 103 18.85 15.89 7.50
C GLY A 103 18.26 14.72 6.74
N VAL A 104 18.74 13.53 7.09
CA VAL A 104 18.42 12.29 6.39
C VAL A 104 17.83 11.30 7.38
N ASN A 105 16.75 10.63 6.97
CA ASN A 105 16.25 9.46 7.68
C ASN A 105 15.75 8.50 6.59
N TRP A 106 15.46 7.25 6.97
CA TRP A 106 15.16 6.25 5.95
C TRP A 106 13.88 6.59 5.22
N GLY A 107 12.95 7.27 5.88
CA GLY A 107 11.71 7.64 5.22
C GLY A 107 11.92 8.64 4.10
N ARG A 108 12.86 9.58 4.29
CA ARG A 108 13.16 10.52 3.22
C ARG A 108 13.92 9.84 2.09
N ILE A 109 14.70 8.81 2.38
CA ILE A 109 15.32 8.04 1.31
C ILE A 109 14.26 7.26 0.53
N VAL A 110 13.26 6.71 1.23
CA VAL A 110 12.16 6.08 0.51
C VAL A 110 11.48 7.11 -0.38
N ALA A 111 11.20 8.29 0.17
CA ALA A 111 10.56 9.36 -0.59
C ALA A 111 11.41 9.75 -1.80
N PHE A 112 12.73 9.76 -1.61
CA PHE A 112 13.68 10.07 -2.70
C PHE A 112 13.53 9.09 -3.84
N PHE A 113 13.51 7.80 -3.52
CA PHE A 113 13.33 6.77 -4.54
C PHE A 113 11.97 6.87 -5.22
N SER A 114 10.90 7.08 -4.44
CA SER A 114 9.58 7.16 -5.06
C SER A 114 9.47 8.36 -5.98
N PHE A 115 10.05 9.48 -5.57
CA PHE A 115 10.05 10.69 -6.41
C PHE A 115 10.73 10.42 -7.75
N GLY A 116 11.94 9.87 -7.72
CA GLY A 116 12.62 9.50 -8.94
C GLY A 116 11.80 8.57 -9.81
N GLY A 117 11.26 7.51 -9.22
CA GLY A 117 10.43 6.61 -10.01
C GLY A 117 9.25 7.32 -10.64
N ALA A 118 8.60 8.21 -9.89
CA ALA A 118 7.48 8.96 -10.42
C ALA A 118 7.92 9.83 -11.60
N LEU A 119 9.13 10.38 -11.51
CA LEU A 119 9.66 11.19 -12.61
C LEU A 119 9.92 10.34 -13.84
N CYS A 120 10.51 9.16 -13.67
CA CYS A 120 10.73 8.28 -14.81
C CYS A 120 9.43 7.97 -15.52
N VAL A 121 8.42 7.55 -14.75
CA VAL A 121 7.16 7.14 -15.34
C VAL A 121 6.49 8.30 -16.06
N GLU A 122 6.50 9.48 -15.44
CA GLU A 122 5.88 10.64 -16.08
C GLU A 122 6.63 11.03 -17.35
N SER A 123 7.97 10.90 -17.33
CA SER A 123 8.76 11.22 -18.51
C SER A 123 8.38 10.35 -19.69
N VAL A 124 8.13 9.07 -19.44
CA VAL A 124 7.69 8.16 -20.51
C VAL A 124 6.27 8.50 -20.94
N ASP A 125 5.39 8.79 -19.98
CA ASP A 125 4.02 9.16 -20.34
C ASP A 125 3.99 10.33 -21.31
N LYS A 126 4.84 11.34 -21.08
CA LYS A 126 4.82 12.58 -21.84
C LYS A 126 5.87 12.61 -22.94
N GLU A 127 6.35 11.44 -23.37
CA GLU A 127 7.28 11.32 -24.48
C GLU A 127 8.52 12.18 -24.24
N MET A 128 9.03 12.11 -23.02
CA MET A 128 10.31 12.68 -22.65
C MET A 128 11.27 11.59 -22.24
N GLN A 129 11.26 10.48 -22.99
CA GLN A 129 11.92 9.26 -22.54
C GLN A 129 13.43 9.39 -22.46
N VAL A 130 14.02 10.41 -23.09
CA VAL A 130 15.46 10.63 -22.95
C VAL A 130 15.84 10.82 -21.48
N LEU A 131 14.89 11.27 -20.66
CA LEU A 131 15.17 11.51 -19.25
C LEU A 131 15.35 10.22 -18.45
N VAL A 132 14.73 9.12 -18.88
CA VAL A 132 14.62 7.95 -17.99
C VAL A 132 15.98 7.55 -17.44
N SER A 133 16.96 7.31 -18.32
CA SER A 133 18.27 6.86 -17.85
C SER A 133 19.03 7.97 -17.13
N ARG A 134 18.76 9.24 -17.47
CA ARG A 134 19.45 10.32 -16.78
C ARG A 134 18.96 10.45 -15.34
N ILE A 135 17.66 10.27 -15.11
CA ILE A 135 17.15 10.34 -13.75
C ILE A 135 17.82 9.30 -12.88
N ALA A 136 18.06 8.12 -13.45
CA ALA A 136 18.79 7.09 -12.72
C ALA A 136 20.19 7.54 -12.37
N ALA A 137 20.89 8.14 -13.34
CA ALA A 137 22.24 8.62 -13.08
C ALA A 137 22.24 9.67 -11.97
N TRP A 138 21.28 10.60 -12.00
CA TRP A 138 21.24 11.65 -10.99
C TRP A 138 20.97 11.06 -9.62
N MET A 139 20.03 10.13 -9.53
CA MET A 139 19.72 9.50 -8.25
C MET A 139 20.94 8.78 -7.70
N ALA A 140 21.63 8.02 -8.55
CA ALA A 140 22.79 7.26 -8.08
C ALA A 140 23.90 8.18 -7.64
N THR A 141 24.15 9.24 -8.41
CA THR A 141 25.19 10.20 -8.04
C THR A 141 24.89 10.87 -6.71
N TYR A 142 23.64 11.29 -6.51
CA TYR A 142 23.28 11.93 -5.26
C TYR A 142 23.35 10.96 -4.09
N LEU A 143 22.84 9.73 -4.30
CA LEU A 143 22.97 8.68 -3.29
C LEU A 143 24.44 8.44 -2.95
N ASN A 144 25.27 8.26 -3.98
CA ASN A 144 26.67 7.93 -3.73
C ASN A 144 27.43 9.10 -3.12
N ASP A 145 27.14 10.32 -3.58
CA ASP A 145 27.91 11.48 -3.13
C ASP A 145 27.37 12.12 -1.86
N HIS A 146 26.05 12.05 -1.60
CA HIS A 146 25.47 12.81 -0.51
C HIS A 146 24.70 12.00 0.52
N LEU A 147 24.29 10.77 0.21
CA LEU A 147 23.58 9.96 1.19
C LEU A 147 24.40 8.81 1.75
N GLU A 148 25.30 8.22 0.96
CA GLU A 148 26.04 7.05 1.41
C GLU A 148 26.78 7.29 2.72
N PRO A 149 27.33 8.46 3.00
CA PRO A 149 27.92 8.69 4.34
C PRO A 149 26.91 8.45 5.47
N TRP A 150 25.72 9.04 5.37
CA TRP A 150 24.70 8.77 6.38
C TRP A 150 24.35 7.29 6.41
N ILE A 151 24.15 6.69 5.22
CA ILE A 151 23.81 5.27 5.14
C ILE A 151 24.88 4.44 5.85
N GLN A 152 26.15 4.68 5.52
CA GLN A 152 27.23 3.96 6.18
C GLN A 152 27.19 4.17 7.70
N GLU A 153 27.08 5.43 8.13
CA GLU A 153 27.06 5.72 9.55
C GLU A 153 25.88 5.07 10.27
N ASN A 154 24.81 4.73 9.55
CA ASN A 154 23.58 4.30 10.19
C ASN A 154 23.32 2.81 10.02
N GLY A 155 24.35 2.04 9.67
CA GLY A 155 24.24 0.60 9.62
C GLY A 155 24.20 0.02 8.23
N GLY A 156 24.24 0.84 7.19
CA GLY A 156 24.15 0.32 5.85
C GLY A 156 22.73 -0.12 5.53
N TRP A 157 22.59 -0.75 4.37
CA TRP A 157 21.26 -1.14 3.94
C TRP A 157 20.70 -2.29 4.77
N ASP A 158 21.56 -3.06 5.44
CA ASP A 158 21.07 -4.01 6.43
C ASP A 158 20.04 -3.35 7.33
N THR A 159 20.38 -2.16 7.85
CA THR A 159 19.52 -1.51 8.84
C THR A 159 18.19 -1.13 8.22
N PHE A 160 18.20 -0.64 6.98
CA PHE A 160 16.95 -0.30 6.34
C PHE A 160 16.01 -1.50 6.30
N VAL A 161 16.53 -2.66 5.89
CA VAL A 161 15.67 -3.83 5.78
C VAL A 161 15.19 -4.26 7.16
N GLU A 162 16.09 -4.24 8.14
CA GLU A 162 15.72 -4.65 9.49
C GLU A 162 14.67 -3.73 10.09
N LEU A 163 14.70 -2.44 9.74
CA LEU A 163 13.78 -1.48 10.31
C LEU A 163 12.53 -1.25 9.47
N TYR A 164 12.57 -1.53 8.16
CA TYR A 164 11.43 -1.28 7.29
C TYR A 164 11.12 -2.47 6.39
N GLY A 165 11.81 -3.59 6.58
CA GLY A 165 11.48 -4.78 5.82
C GLY A 165 10.16 -5.38 6.29
N ASN A 166 9.54 -6.12 5.37
CA ASN A 166 8.23 -6.72 5.58
C ASN A 166 8.24 -8.05 4.84
N ASN A 167 7.89 -9.14 5.53
CA ASN A 167 7.89 -10.46 4.91
C ASN A 167 6.57 -10.80 4.23
N ALA A 168 5.84 -9.83 3.70
CA ALA A 168 4.74 -10.10 2.75
C ALA A 168 4.99 -9.27 1.50
N ALA A 169 5.36 -9.94 0.40
CA ALA A 169 5.48 -9.30 -0.90
C ALA A 169 4.19 -9.46 -1.68
N SER B 3 7.62 28.88 -4.96
CA SER B 3 8.28 28.16 -6.04
C SER B 3 7.98 26.68 -5.95
N PRO B 4 7.78 26.02 -7.11
CA PRO B 4 7.28 24.65 -7.09
C PRO B 4 8.26 23.66 -6.48
N THR B 5 9.54 23.73 -6.88
CA THR B 5 10.49 22.69 -6.47
C THR B 5 10.73 22.71 -4.95
N SER B 6 10.96 23.89 -4.38
CA SER B 6 11.25 23.96 -2.96
C SER B 6 10.05 23.48 -2.15
N GLU B 7 8.87 23.87 -2.59
CA GLU B 7 7.70 23.37 -1.88
C GLU B 7 7.47 21.89 -2.10
N ILE B 8 7.71 21.40 -3.32
CA ILE B 8 7.59 19.98 -3.57
C ILE B 8 8.58 19.19 -2.71
N GLY B 9 9.80 19.71 -2.56
CA GLY B 9 10.78 19.04 -1.71
C GLY B 9 10.38 19.01 -0.24
N ARG B 10 9.70 20.04 0.23
CA ARG B 10 9.34 20.12 1.64
C ARG B 10 8.19 19.18 1.98
N HIS B 11 7.19 19.09 1.11
CA HIS B 11 6.13 18.11 1.32
C HIS B 11 6.66 16.69 1.20
N LEU B 12 7.57 16.44 0.26
CA LEU B 12 8.23 15.14 0.20
C LEU B 12 8.92 14.81 1.53
N ALA B 13 9.64 15.79 2.09
CA ALA B 13 10.25 15.60 3.39
C ALA B 13 9.20 15.30 4.45
N GLN B 14 8.09 16.04 4.44
CA GLN B 14 7.01 15.78 5.37
C GLN B 14 6.52 14.35 5.23
N LEU B 15 6.29 13.90 4.00
CA LEU B 15 5.80 12.54 3.79
C LEU B 15 6.83 11.51 4.24
N GLY B 16 8.10 11.71 3.86
CA GLY B 16 9.13 10.79 4.29
C GLY B 16 9.20 10.68 5.81
N ASP B 17 9.08 11.80 6.51
CA ASP B 17 9.11 11.74 7.97
C ASP B 17 7.91 10.99 8.52
N SER B 18 6.73 11.18 7.92
CA SER B 18 5.57 10.39 8.32
C SER B 18 5.82 8.92 8.05
N TYR B 19 6.34 8.61 6.86
CA TYR B 19 6.65 7.23 6.54
C TYR B 19 7.57 6.62 7.60
N SER B 20 8.64 7.35 7.96
CA SER B 20 9.66 6.79 8.83
C SER B 20 9.09 6.43 10.20
N VAL B 21 8.06 7.15 10.64
CA VAL B 21 7.43 6.83 11.92
C VAL B 21 6.42 5.70 11.75
N ARG B 22 5.59 5.78 10.71
CA ARG B 22 4.51 4.82 10.51
C ARG B 22 5.03 3.39 10.42
N PHE B 23 5.99 3.18 9.52
CA PHE B 23 6.34 1.85 9.04
C PHE B 23 7.61 1.32 9.67
N GLN B 24 8.12 2.00 10.69
CA GLN B 24 9.15 1.44 11.54
C GLN B 24 8.63 0.16 12.17
N ASN B 25 9.46 -0.88 12.22
CA ASN B 25 9.04 -2.12 12.84
C ASN B 25 9.91 -2.51 14.02
N GLU B 26 10.92 -1.72 14.36
CA GLU B 26 11.75 -1.97 15.53
C GLU B 26 12.14 -0.67 16.21
N MET C 8 -33.20 -1.94 11.08
CA MET C 8 -32.38 -0.88 11.66
C MET C 8 -31.72 -0.07 10.55
N ALA C 9 -31.62 1.26 10.75
CA ALA C 9 -31.03 2.11 9.73
C ALA C 9 -29.58 1.74 9.44
N MET C 10 -28.84 1.28 10.45
CA MET C 10 -27.48 0.83 10.25
C MET C 10 -27.42 -0.46 9.43
N SER C 11 -28.50 -1.23 9.45
CA SER C 11 -28.54 -2.46 8.66
C SER C 11 -28.48 -2.18 7.17
N GLN C 12 -29.28 -1.26 6.67
CA GLN C 12 -29.15 -0.91 5.26
C GLN C 12 -27.86 -0.14 4.97
N SER C 13 -27.30 0.54 5.97
CA SER C 13 -26.01 1.21 5.77
C SER C 13 -24.88 0.19 5.70
N ASN C 14 -24.97 -0.86 6.52
CA ASN C 14 -23.94 -1.90 6.48
C ASN C 14 -23.95 -2.63 5.15
N ARG C 15 -25.13 -2.87 4.57
CA ARG C 15 -25.17 -3.51 3.25
C ARG C 15 -24.53 -2.62 2.19
N GLU C 16 -24.71 -1.30 2.29
CA GLU C 16 -24.08 -0.41 1.32
C GLU C 16 -22.57 -0.39 1.49
N LEU C 17 -22.08 -0.57 2.71
CA LEU C 17 -20.63 -0.63 2.91
C LEU C 17 -20.04 -1.87 2.26
N VAL C 18 -20.74 -3.01 2.40
CA VAL C 18 -20.27 -4.25 1.79
C VAL C 18 -20.29 -4.11 0.28
N VAL C 19 -21.41 -3.68 -0.28
CA VAL C 19 -21.50 -3.51 -1.72
C VAL C 19 -20.43 -2.53 -2.20
N ASP C 20 -20.25 -1.41 -1.50
CA ASP C 20 -19.23 -0.46 -1.93
C ASP C 20 -17.85 -1.08 -1.89
N PHE C 21 -17.51 -1.77 -0.80
CA PHE C 21 -16.18 -2.33 -0.70
C PHE C 21 -15.95 -3.40 -1.76
N LEU C 22 -16.93 -4.30 -1.93
CA LEU C 22 -16.77 -5.34 -2.94
C LEU C 22 -16.76 -4.78 -4.35
N SER C 23 -17.59 -3.76 -4.62
CA SER C 23 -17.52 -3.13 -5.95
C SER C 23 -16.12 -2.62 -6.22
N TYR C 24 -15.48 -2.02 -5.21
CA TYR C 24 -14.15 -1.44 -5.41
C TYR C 24 -13.12 -2.54 -5.67
N LYS C 25 -13.12 -3.60 -4.87
CA LYS C 25 -12.14 -4.66 -5.08
C LYS C 25 -12.38 -5.39 -6.40
N LEU C 26 -13.63 -5.62 -6.75
CA LEU C 26 -13.91 -6.18 -8.07
C LEU C 26 -13.38 -5.25 -9.16
N SER C 27 -13.65 -3.95 -9.04
CA SER C 27 -13.25 -3.01 -10.09
C SER C 27 -11.74 -2.98 -10.28
N GLN C 28 -10.99 -3.25 -9.20
CA GLN C 28 -9.54 -3.28 -9.27
C GLN C 28 -9.03 -4.42 -10.13
N LYS C 29 -9.82 -5.49 -10.26
CA LYS C 29 -9.48 -6.62 -11.11
C LYS C 29 -10.20 -6.54 -12.45
N GLY C 30 -10.94 -5.47 -12.70
CA GLY C 30 -11.62 -5.29 -13.97
C GLY C 30 -13.04 -5.80 -14.02
N TYR C 31 -13.61 -6.20 -12.88
CA TYR C 31 -14.96 -6.74 -12.81
C TYR C 31 -15.91 -5.68 -12.28
N SER C 32 -17.20 -5.91 -12.55
CA SER C 32 -18.27 -5.00 -12.19
C SER C 32 -19.25 -5.67 -11.24
N TRP C 33 -19.49 -5.02 -10.09
CA TRP C 33 -20.51 -5.52 -9.16
C TRP C 33 -21.87 -5.61 -9.83
N SER C 34 -22.24 -4.55 -10.58
CA SER C 34 -23.55 -4.51 -11.22
C SER C 34 -23.77 -5.71 -12.13
N GLN C 35 -22.71 -6.19 -12.78
CA GLN C 35 -22.85 -7.34 -13.67
C GLN C 35 -23.04 -8.63 -12.90
N PHE C 36 -22.50 -8.73 -11.69
CA PHE C 36 -22.61 -9.95 -10.90
C PHE C 36 -23.79 -9.96 -9.94
N SER C 37 -24.43 -8.81 -9.70
CA SER C 37 -25.56 -8.75 -8.77
C SER C 37 -26.89 -8.97 -9.49
N GLU C 48 -22.15 8.63 12.29
CA GLU C 48 -22.87 9.36 13.33
C GLU C 48 -22.81 10.85 13.06
N GLY C 49 -21.66 11.32 12.60
CA GLY C 49 -21.48 12.72 12.24
C GLY C 49 -20.76 12.87 10.91
N THR C 50 -19.93 11.88 10.57
CA THR C 50 -19.15 11.94 9.34
C THR C 50 -19.91 11.26 8.20
N GLU C 51 -19.85 11.88 7.02
CA GLU C 51 -20.57 11.37 5.87
C GLU C 51 -20.18 9.93 5.57
N SER C 52 -21.19 9.13 5.17
CA SER C 52 -20.94 7.74 4.79
C SER C 52 -19.88 7.65 3.71
N GLU C 53 -19.78 8.65 2.84
CA GLU C 53 -18.72 8.64 1.86
C GLU C 53 -17.33 8.61 2.50
N ALA C 54 -17.19 9.20 3.70
CA ALA C 54 -15.95 9.03 4.44
C ALA C 54 -15.76 7.57 4.85
N VAL C 55 -16.80 6.96 5.40
CA VAL C 55 -16.65 5.58 5.85
C VAL C 55 -16.23 4.68 4.70
N LYS C 56 -16.85 4.88 3.53
CA LYS C 56 -16.57 4.01 2.39
C LYS C 56 -15.14 4.17 1.91
N GLN C 57 -14.68 5.41 1.74
CA GLN C 57 -13.32 5.57 1.23
C GLN C 57 -12.29 5.13 2.26
N ALA C 58 -12.57 5.37 3.54
CA ALA C 58 -11.64 4.94 4.59
C ALA C 58 -11.53 3.42 4.62
N LEU C 59 -12.64 2.73 4.35
CA LEU C 59 -12.60 1.27 4.30
C LEU C 59 -11.91 0.79 3.04
N ARG C 60 -12.17 1.45 1.90
CA ARG C 60 -11.47 1.09 0.67
C ARG C 60 -9.97 1.22 0.87
N GLU C 61 -9.52 2.35 1.42
CA GLU C 61 -8.09 2.57 1.59
C GLU C 61 -7.52 1.59 2.62
N ALA C 62 -8.25 1.34 3.69
CA ALA C 62 -7.82 0.35 4.67
C ALA C 62 -7.61 -1.00 4.01
N GLY C 63 -8.59 -1.43 3.20
CA GLY C 63 -8.44 -2.68 2.49
C GLY C 63 -7.23 -2.70 1.58
N ASP C 64 -6.98 -1.58 0.89
CA ASP C 64 -5.81 -1.49 0.00
C ASP C 64 -4.52 -1.67 0.79
N GLU C 65 -4.39 -0.96 1.91
CA GLU C 65 -3.16 -1.01 2.70
C GLU C 65 -3.00 -2.37 3.40
N PHE C 66 -4.11 -2.93 3.89
CA PHE C 66 -4.08 -4.28 4.47
C PHE C 66 -3.61 -5.28 3.43
N GLU C 67 -4.20 -5.25 2.25
CA GLU C 67 -3.86 -6.21 1.20
C GLU C 67 -2.43 -6.00 0.71
N LEU C 68 -1.95 -4.75 0.68
CA LEU C 68 -0.58 -4.52 0.26
C LEU C 68 0.43 -4.99 1.30
N ARG C 69 0.23 -4.60 2.56
CA ARG C 69 1.25 -4.89 3.56
C ARG C 69 1.34 -6.38 3.85
N TYR C 70 0.21 -7.07 3.85
CA TYR C 70 0.17 -8.49 4.19
C TYR C 70 -0.11 -9.36 2.97
N ARG C 71 0.30 -8.91 1.78
CA ARG C 71 -0.14 -9.58 0.57
C ARG C 71 0.28 -11.04 0.54
N ARG C 72 1.52 -11.34 0.92
CA ARG C 72 2.01 -12.72 0.87
C ARG C 72 1.23 -13.60 1.84
N ALA C 73 1.28 -13.27 3.13
CA ALA C 73 0.54 -14.04 4.12
C ALA C 73 -0.94 -14.09 3.76
N PHE C 74 -1.47 -13.01 3.18
CA PHE C 74 -2.90 -12.97 2.87
C PHE C 74 -3.25 -13.87 1.70
N SER C 75 -2.41 -13.86 0.65
CA SER C 75 -2.71 -14.70 -0.51
C SER C 75 -2.50 -16.17 -0.21
N ASP C 76 -1.54 -16.51 0.65
CA ASP C 76 -1.37 -17.90 1.05
C ASP C 76 -2.65 -18.43 1.69
N LEU C 77 -3.17 -17.71 2.68
CA LEU C 77 -4.31 -18.23 3.43
C LEU C 77 -5.57 -18.27 2.58
N THR C 78 -5.79 -17.26 1.73
CA THR C 78 -6.98 -17.30 0.87
C THR C 78 -6.92 -18.45 -0.12
N SER C 79 -5.73 -18.75 -0.65
CA SER C 79 -5.59 -19.83 -1.63
C SER C 79 -5.56 -21.21 -0.99
N GLN C 80 -5.48 -21.32 0.33
CA GLN C 80 -5.74 -22.57 1.01
C GLN C 80 -7.23 -22.89 1.05
N LEU C 81 -8.07 -21.93 0.67
CA LEU C 81 -9.49 -22.16 0.50
C LEU C 81 -9.74 -22.73 -0.90
N HIS C 82 -10.33 -23.91 -0.95
CA HIS C 82 -10.75 -24.53 -2.20
C HIS C 82 -12.27 -24.54 -2.13
N ILE C 83 -12.88 -23.54 -2.75
CA ILE C 83 -14.30 -23.25 -2.57
C ILE C 83 -15.11 -23.88 -3.70
N THR C 84 -16.29 -24.30 -3.34
CA THR C 84 -17.32 -24.81 -4.27
C THR C 84 -18.61 -24.21 -3.80
N PRO C 85 -19.62 -24.12 -4.69
CA PRO C 85 -20.93 -23.60 -4.25
C PRO C 85 -21.47 -24.34 -3.04
N GLY C 86 -21.18 -25.64 -2.94
CA GLY C 86 -21.73 -26.42 -1.84
C GLY C 86 -21.05 -26.21 -0.51
N THR C 87 -19.80 -25.75 -0.49
CA THR C 87 -19.04 -25.58 0.74
C THR C 87 -18.65 -24.13 1.03
N ALA C 88 -18.93 -23.20 0.12
CA ALA C 88 -18.41 -21.85 0.27
C ALA C 88 -19.01 -21.15 1.47
N TYR C 89 -20.31 -21.32 1.72
CA TYR C 89 -20.93 -20.61 2.82
C TYR C 89 -20.32 -21.03 4.15
N GLN C 90 -20.25 -22.34 4.38
CA GLN C 90 -19.73 -22.82 5.65
C GLN C 90 -18.24 -22.53 5.79
N SER C 91 -17.51 -22.50 4.67
CA SER C 91 -16.11 -22.09 4.72
C SER C 91 -15.98 -20.62 5.13
N PHE C 92 -16.83 -19.76 4.56
CA PHE C 92 -16.84 -18.36 4.95
C PHE C 92 -17.11 -18.21 6.44
N GLU C 93 -18.18 -18.85 6.93
CA GLU C 93 -18.59 -18.64 8.31
C GLU C 93 -17.55 -19.11 9.29
N GLN C 94 -16.87 -20.22 8.97
CA GLN C 94 -15.87 -20.77 9.88
C GLN C 94 -14.63 -19.88 9.96
N VAL C 95 -14.18 -19.35 8.82
CA VAL C 95 -13.06 -18.42 8.85
C VAL C 95 -13.42 -17.20 9.68
N VAL C 96 -14.60 -16.63 9.42
CA VAL C 96 -15.01 -15.41 10.11
C VAL C 96 -15.23 -15.69 11.58
N ASN C 97 -15.91 -16.79 11.89
CA ASN C 97 -16.13 -17.16 13.30
C ASN C 97 -14.81 -17.15 14.06
N GLU C 98 -13.76 -17.73 13.45
CA GLU C 98 -12.46 -17.79 14.11
C GLU C 98 -11.79 -16.42 14.15
N LEU C 99 -11.92 -15.65 13.07
CA LEU C 99 -11.38 -14.30 13.05
C LEU C 99 -11.80 -13.51 14.28
N PHE C 100 -13.08 -13.61 14.67
CA PHE C 100 -13.60 -12.83 15.77
C PHE C 100 -13.82 -13.62 17.05
N ARG C 101 -13.29 -14.83 17.13
CA ARG C 101 -13.57 -15.66 18.31
C ARG C 101 -12.96 -15.05 19.56
N ASP C 102 -11.72 -14.61 19.49
CA ASP C 102 -11.10 -13.98 20.66
C ASP C 102 -11.52 -12.52 20.85
N GLY C 103 -12.41 -11.99 20.00
CA GLY C 103 -12.92 -10.66 20.16
C GLY C 103 -12.87 -9.89 18.85
N VAL C 104 -13.18 -8.59 18.93
CA VAL C 104 -13.32 -7.72 17.78
C VAL C 104 -12.47 -6.47 17.98
N ASN C 105 -11.88 -5.98 16.90
CA ASN C 105 -11.27 -4.66 16.87
C ASN C 105 -11.31 -4.18 15.42
N TRP C 106 -10.95 -2.91 15.22
CA TRP C 106 -11.11 -2.32 13.90
C TRP C 106 -10.25 -3.01 12.86
N GLY C 107 -9.06 -3.48 13.25
CA GLY C 107 -8.21 -4.17 12.29
C GLY C 107 -8.79 -5.51 11.86
N ARG C 108 -9.41 -6.22 12.79
CA ARG C 108 -10.06 -7.47 12.41
C ARG C 108 -11.27 -7.22 11.53
N ILE C 109 -11.92 -6.06 11.70
CA ILE C 109 -13.01 -5.73 10.80
C ILE C 109 -12.48 -5.44 9.41
N VAL C 110 -11.36 -4.73 9.32
CA VAL C 110 -10.73 -4.53 8.01
C VAL C 110 -10.42 -5.87 7.38
N ALA C 111 -9.83 -6.78 8.17
CA ALA C 111 -9.48 -8.10 7.64
C ALA C 111 -10.72 -8.84 7.13
N PHE C 112 -11.83 -8.75 7.88
CA PHE C 112 -13.12 -9.30 7.46
C PHE C 112 -13.54 -8.79 6.08
N PHE C 113 -13.46 -7.49 5.86
CA PHE C 113 -13.82 -6.94 4.55
C PHE C 113 -12.87 -7.43 3.46
N SER C 114 -11.55 -7.40 3.74
CA SER C 114 -10.58 -7.83 2.72
C SER C 114 -10.76 -9.30 2.39
N PHE C 115 -10.99 -10.14 3.41
CA PHE C 115 -11.21 -11.56 3.17
C PHE C 115 -12.38 -11.76 2.22
N GLY C 116 -13.51 -11.13 2.52
CA GLY C 116 -14.68 -11.32 1.68
C GLY C 116 -14.46 -10.81 0.27
N GLY C 117 -13.70 -9.72 0.13
CA GLY C 117 -13.34 -9.25 -1.19
C GLY C 117 -12.45 -10.22 -1.93
N ALA C 118 -11.46 -10.78 -1.22
CA ALA C 118 -10.60 -11.80 -1.83
C ALA C 118 -11.41 -13.06 -2.18
N LEU C 119 -12.37 -13.43 -1.34
CA LEU C 119 -13.20 -14.58 -1.67
C LEU C 119 -14.02 -14.33 -2.93
N CYS C 120 -14.48 -13.10 -3.13
CA CYS C 120 -15.20 -12.79 -4.36
C CYS C 120 -14.30 -12.90 -5.57
N VAL C 121 -13.12 -12.28 -5.51
CA VAL C 121 -12.21 -12.32 -6.65
C VAL C 121 -11.82 -13.77 -6.97
N GLU C 122 -11.41 -14.52 -5.94
CA GLU C 122 -11.04 -15.91 -6.17
C GLU C 122 -12.20 -16.70 -6.78
N SER C 123 -13.42 -16.43 -6.32
CA SER C 123 -14.58 -17.07 -6.92
C SER C 123 -14.67 -16.76 -8.41
N VAL C 124 -14.64 -15.48 -8.77
CA VAL C 124 -14.64 -15.09 -10.18
C VAL C 124 -13.50 -15.79 -10.91
N ASP C 125 -12.30 -15.79 -10.33
CA ASP C 125 -11.16 -16.40 -11.00
C ASP C 125 -11.39 -17.88 -11.29
N LYS C 126 -12.34 -18.52 -10.62
CA LYS C 126 -12.63 -19.94 -10.81
C LYS C 126 -13.97 -20.15 -11.52
N GLU C 127 -14.47 -19.14 -12.20
CA GLU C 127 -15.74 -19.21 -12.92
C GLU C 127 -16.93 -19.47 -11.98
N MET C 128 -16.84 -18.97 -10.75
CA MET C 128 -17.89 -19.11 -9.76
C MET C 128 -18.44 -17.75 -9.35
N GLN C 129 -18.60 -16.85 -10.33
CA GLN C 129 -19.09 -15.51 -10.05
C GLN C 129 -20.49 -15.52 -9.46
N VAL C 130 -21.22 -16.62 -9.62
CA VAL C 130 -22.50 -16.78 -8.94
C VAL C 130 -22.36 -16.54 -7.45
N LEU C 131 -21.18 -16.84 -6.90
CA LEU C 131 -20.99 -16.70 -5.46
C LEU C 131 -20.85 -15.25 -5.01
N VAL C 132 -20.63 -14.32 -5.95
CA VAL C 132 -20.29 -12.95 -5.53
C VAL C 132 -21.45 -12.33 -4.76
N SER C 133 -22.67 -12.40 -5.30
CA SER C 133 -23.81 -11.81 -4.62
C SER C 133 -24.11 -12.53 -3.31
N ARG C 134 -23.84 -13.83 -3.26
CA ARG C 134 -24.07 -14.58 -2.03
CA ARG C 134 -24.06 -14.57 -2.03
C ARG C 134 -23.09 -14.15 -0.95
N ILE C 135 -21.80 -14.09 -1.27
CA ILE C 135 -20.80 -13.63 -0.31
C ILE C 135 -21.19 -12.28 0.24
N ALA C 136 -21.61 -11.37 -0.64
CA ALA C 136 -22.01 -10.04 -0.18
C ALA C 136 -23.14 -10.15 0.85
N ALA C 137 -24.12 -11.03 0.59
CA ALA C 137 -25.19 -11.21 1.57
C ALA C 137 -24.64 -11.81 2.87
N TRP C 138 -23.76 -12.81 2.77
CA TRP C 138 -23.19 -13.38 4.00
C TRP C 138 -22.45 -12.33 4.82
N MET C 139 -21.68 -11.46 4.15
CA MET C 139 -20.93 -10.44 4.88
C MET C 139 -21.86 -9.46 5.57
N ALA C 140 -22.87 -8.97 4.86
CA ALA C 140 -23.79 -8.02 5.47
C ALA C 140 -24.52 -8.63 6.66
N THR C 141 -24.98 -9.88 6.53
CA THR C 141 -25.63 -10.53 7.65
C THR C 141 -24.70 -10.60 8.85
N TYR C 142 -23.45 -11.04 8.63
CA TYR C 142 -22.53 -11.16 9.76
C TYR C 142 -22.23 -9.81 10.37
N LEU C 143 -22.05 -8.78 9.53
CA LEU C 143 -21.86 -7.42 10.02
C LEU C 143 -23.04 -6.97 10.87
N ASN C 144 -24.26 -7.17 10.37
CA ASN C 144 -25.43 -6.70 11.08
C ASN C 144 -25.66 -7.48 12.37
N ASP C 145 -25.46 -8.80 12.33
CA ASP C 145 -25.84 -9.64 13.46
C ASP C 145 -24.74 -9.74 14.52
N HIS C 146 -23.47 -9.75 14.13
CA HIS C 146 -22.37 -10.03 15.05
C HIS C 146 -21.48 -8.83 15.33
N LEU C 147 -21.26 -7.94 14.36
CA LEU C 147 -20.31 -6.85 14.52
C LEU C 147 -20.94 -5.52 14.90
N GLU C 148 -22.18 -5.28 14.48
CA GLU C 148 -22.77 -3.96 14.69
C GLU C 148 -22.90 -3.61 16.16
N PRO C 149 -23.24 -4.54 17.07
CA PRO C 149 -23.25 -4.18 18.49
C PRO C 149 -21.90 -3.65 18.97
N TRP C 150 -20.81 -4.34 18.62
CA TRP C 150 -19.50 -3.86 19.01
C TRP C 150 -19.25 -2.50 18.39
N ILE C 151 -19.61 -2.33 17.12
CA ILE C 151 -19.41 -1.06 16.41
C ILE C 151 -20.11 0.07 17.15
N GLN C 152 -21.35 -0.15 17.58
CA GLN C 152 -22.06 0.88 18.34
C GLN C 152 -21.39 1.11 19.70
N GLU C 153 -20.91 0.04 20.32
CA GLU C 153 -20.26 0.15 21.62
C GLU C 153 -18.98 0.97 21.56
N ASN C 154 -18.32 1.01 20.41
CA ASN C 154 -16.99 1.60 20.29
C ASN C 154 -16.97 2.81 19.38
N GLY C 155 -18.04 3.59 19.37
CA GLY C 155 -18.06 4.88 18.71
C GLY C 155 -18.64 4.91 17.31
N GLY C 156 -19.10 3.78 16.79
CA GLY C 156 -19.64 3.77 15.45
C GLY C 156 -18.54 3.93 14.44
N TRP C 157 -18.96 4.02 13.18
CA TRP C 157 -18.03 4.17 12.07
C TRP C 157 -17.31 5.51 12.09
N ASP C 158 -17.89 6.53 12.71
CA ASP C 158 -17.18 7.77 12.94
C ASP C 158 -15.81 7.53 13.54
N THR C 159 -15.75 6.65 14.55
CA THR C 159 -14.49 6.39 15.25
C THR C 159 -13.51 5.64 14.35
N PHE C 160 -14.01 4.73 13.51
CA PHE C 160 -13.13 4.08 12.54
C PHE C 160 -12.46 5.11 11.62
N VAL C 161 -13.24 6.05 11.09
CA VAL C 161 -12.66 7.05 10.19
C VAL C 161 -11.64 7.91 10.94
N GLU C 162 -11.96 8.29 12.18
CA GLU C 162 -11.05 9.13 12.94
C GLU C 162 -9.78 8.38 13.32
N LEU C 163 -9.86 7.07 13.54
CA LEU C 163 -8.70 6.30 13.96
C LEU C 163 -7.88 5.76 12.79
N TYR C 164 -8.51 5.50 11.63
CA TYR C 164 -7.84 4.88 10.49
C TYR C 164 -7.97 5.68 9.20
N GLY C 165 -8.71 6.78 9.20
CA GLY C 165 -8.80 7.59 8.02
C GLY C 165 -7.48 8.26 7.70
N ASN C 166 -7.30 8.55 6.43
CA ASN C 166 -6.06 9.10 5.89
C ASN C 166 -6.46 9.91 4.67
N ASN C 167 -6.23 11.21 4.70
CA ASN C 167 -6.64 12.05 3.58
C ASN C 167 -5.61 12.14 2.47
N ALA C 168 -4.42 11.61 2.67
CA ALA C 168 -3.39 11.68 1.65
C ALA C 168 -3.52 10.58 0.62
N ALA C 169 -4.37 9.59 0.86
CA ALA C 169 -4.66 8.54 -0.09
C ALA C 169 -5.74 9.00 -1.07
N ALA C 170 -5.92 8.24 -2.14
CA ALA C 170 -7.00 8.51 -3.09
C ALA C 170 -8.07 7.41 -2.97
N PRO D 4 -9.71 -26.13 6.10
CA PRO D 4 -8.49 -25.42 6.52
C PRO D 4 -8.83 -24.07 7.16
N THR D 5 -10.04 -23.98 7.71
CA THR D 5 -10.62 -22.68 8.01
C THR D 5 -10.15 -22.09 9.33
N SER D 6 -9.92 -22.91 10.35
CA SER D 6 -9.46 -22.37 11.64
C SER D 6 -8.10 -21.72 11.51
N GLU D 7 -7.16 -22.41 10.85
CA GLU D 7 -5.84 -21.83 10.61
C GLU D 7 -5.95 -20.56 9.78
N ILE D 8 -6.89 -20.52 8.84
CA ILE D 8 -7.06 -19.34 7.99
C ILE D 8 -7.55 -18.16 8.82
N GLY D 9 -8.57 -18.39 9.66
CA GLY D 9 -9.16 -17.29 10.41
C GLY D 9 -8.28 -16.83 11.54
N ARG D 10 -7.55 -17.76 12.16
CA ARG D 10 -6.60 -17.38 13.21
C ARG D 10 -5.53 -16.45 12.67
N HIS D 11 -4.98 -16.75 11.48
CA HIS D 11 -3.95 -15.89 10.92
C HIS D 11 -4.54 -14.58 10.40
N LEU D 12 -5.77 -14.60 9.88
CA LEU D 12 -6.41 -13.33 9.54
C LEU D 12 -6.52 -12.45 10.78
N ALA D 13 -6.82 -13.04 11.93
CA ALA D 13 -6.91 -12.28 13.17
C ALA D 13 -5.56 -11.69 13.56
N GLN D 14 -4.49 -12.46 13.37
CA GLN D 14 -3.17 -11.92 13.62
C GLN D 14 -2.90 -10.71 12.75
N LEU D 15 -3.20 -10.81 11.45
CA LEU D 15 -2.99 -9.68 10.55
C LEU D 15 -3.87 -8.51 10.96
N GLY D 16 -5.12 -8.80 11.32
CA GLY D 16 -6.00 -7.73 11.76
C GLY D 16 -5.46 -7.01 12.98
N ASP D 17 -4.97 -7.79 13.97
CA ASP D 17 -4.39 -7.19 15.16
C ASP D 17 -3.20 -6.31 14.80
N SER D 18 -2.31 -6.81 13.95
CA SER D 18 -1.17 -6.01 13.50
C SER D 18 -1.64 -4.74 12.82
N TYR D 19 -2.60 -4.87 11.90
CA TYR D 19 -3.13 -3.68 11.24
C TYR D 19 -3.66 -2.67 12.25
N SER D 20 -4.42 -3.16 13.25
CA SER D 20 -5.11 -2.26 14.16
C SER D 20 -4.14 -1.33 14.89
N VAL D 21 -2.90 -1.76 15.10
CA VAL D 21 -1.91 -0.91 15.76
C VAL D 21 -1.09 -0.14 14.74
N ARG D 22 -0.67 -0.83 13.68
CA ARG D 22 0.21 -0.22 12.68
C ARG D 22 -0.44 1.02 12.05
N PHE D 23 -1.74 0.97 11.75
CA PHE D 23 -2.34 2.01 10.93
C PHE D 23 -3.27 2.93 11.70
N GLN D 24 -3.23 2.91 13.04
CA GLN D 24 -4.05 3.81 13.84
C GLN D 24 -3.44 5.20 13.90
N ASN D 25 -4.30 6.21 13.98
CA ASN D 25 -3.84 7.58 14.04
C ASN D 25 -3.57 8.07 15.45
N GLU D 26 -3.91 7.26 16.46
CA GLU D 26 -3.65 7.59 17.85
C GLU D 26 -2.16 7.69 18.10
S SO4 E . 23.04 3.86 -14.24
O1 SO4 E . 24.31 3.16 -14.39
O2 SO4 E . 22.86 4.81 -15.34
O3 SO4 E . 21.97 2.88 -14.27
O4 SO4 E . 23.01 4.56 -12.95
S SO4 F . 26.79 8.56 -17.13
O1 SO4 F . 26.37 8.28 -18.50
O2 SO4 F . 28.24 8.79 -17.09
O3 SO4 F . 26.46 7.42 -16.29
O4 SO4 F . 26.10 9.75 -16.63
S SO4 G . 13.56 -4.21 -17.97
O1 SO4 G . 14.79 -4.51 -18.72
O2 SO4 G . 12.95 -3.01 -18.52
O3 SO4 G . 12.61 -5.33 -18.09
O4 SO4 G . 13.88 -4.00 -16.57
S SO4 H . 28.43 8.04 -9.42
O1 SO4 H . 29.71 7.51 -9.92
O2 SO4 H . 28.16 9.33 -10.08
O3 SO4 H . 27.36 7.10 -9.73
O4 SO4 H . 28.53 8.26 -7.97
S SO4 I . 15.39 14.28 10.55
O1 SO4 I . 16.40 14.14 9.50
O2 SO4 I . 14.43 15.32 10.17
O3 SO4 I . 14.68 13.00 10.71
O4 SO4 I . 16.04 14.64 11.81
S SO4 J . 0.48 9.26 8.53
O1 SO4 J . 1.27 8.22 7.87
O2 SO4 J . 0.59 10.49 7.80
O3 SO4 J . -0.92 8.87 8.59
O4 SO4 J . 0.99 9.38 9.90
S SO4 K . -27.00 -6.84 -1.41
O1 SO4 K . -25.77 -6.97 -2.18
O2 SO4 K . -28.02 -6.18 -2.24
O3 SO4 K . -27.46 -8.17 -1.02
O4 SO4 K . -26.74 -6.05 -0.22
S SO4 L . 3.23 -5.29 11.02
O1 SO4 L . 4.58 -5.23 10.48
O2 SO4 L . 2.36 -4.38 10.31
O3 SO4 L . 2.73 -6.65 10.90
O4 SO4 L . 3.25 -4.89 12.41
S SO4 M . 1.46 -19.36 15.27
O1 SO4 M . 2.87 -19.72 15.06
O2 SO4 M . 0.95 -18.73 14.05
O3 SO4 M . 0.69 -20.56 15.55
O4 SO4 M . 1.37 -18.43 16.41
#